data_6TBY
#
_entry.id   6TBY
#
_cell.length_a   134.738
_cell.length_b   134.738
_cell.length_c   46.543
_cell.angle_alpha   90.000
_cell.angle_beta   90.000
_cell.angle_gamma   120.000
#
_symmetry.space_group_name_H-M   'P 31 2 1'
#
loop_
_entity.id
_entity.type
_entity.pdbx_description
1 polymer Phytochrome
2 non-polymer PHYCOCYANOBILIN
3 non-polymer GLYCEROL
4 non-polymer BETA-MERCAPTOETHANOL
5 non-polymer DI(HYDROXYETHYL)ETHER
6 water water
#
_entity_poly.entity_id   1
_entity_poly.type   'polypeptide(L)'
_entity_poly.pdbx_seq_one_letter_code
;MHHHHHHENLYFQGAAYLSRIQRGGHIQPFGCTLAVADDSSFRLLAFSENAADLLDLSPHHSVPSLDSAAPPPVSLGADA
RLLFSPSSAVLLERAFAAREISLLNPLWIHSRVSSKPFYAILHRIDVGVVIDLEPARTEDPALSIAGAVQSQKLAVRAIS
RLQALPGGDIKLLCDTVVEHVRELTGYDRVMVYRFHEDEHGEVVAESRRDNLEPYLGLHYPATDIPQASRFLFRQNRVRM
IADCHATPVRVIQDPGMSQPLCLVGSTLRAPHGCHAQYMANMGSIASLVMAVIISSGGDDEQTGRGGISSAMKLWGLVVC
HHTSPRCIPFPLRYACEFLMQAFGLQLNMELQL
;
_entity_poly.pdbx_strand_id   AAA
#
loop_
_chem_comp.id
_chem_comp.type
_chem_comp.name
_chem_comp.formula
BME non-polymer BETA-MERCAPTOETHANOL 'C2 H6 O S'
CYC non-polymer PHYCOCYANOBILIN 'C33 H40 N4 O6'
GOL non-polymer GLYCEROL 'C3 H8 O3'
PEG non-polymer DI(HYDROXYETHYL)ETHER 'C4 H10 O3'
#
# COMPACT_ATOMS: atom_id res chain seq x y z
N GLU A 8 7.57 -16.31 -19.11
CA GLU A 8 7.60 -17.28 -20.25
C GLU A 8 6.65 -16.77 -21.35
N ASN A 9 5.35 -16.60 -21.05
CA ASN A 9 4.34 -16.07 -22.01
C ASN A 9 4.61 -14.58 -22.26
N LEU A 10 5.02 -13.84 -21.22
CA LEU A 10 5.35 -12.39 -21.30
C LEU A 10 6.87 -12.20 -21.54
N TYR A 11 7.61 -13.24 -21.93
CA TYR A 11 9.09 -13.18 -22.20
C TYR A 11 9.39 -11.99 -23.16
N PHE A 12 8.57 -11.83 -24.19
CA PHE A 12 8.78 -10.80 -25.26
C PHE A 12 8.68 -9.37 -24.69
N GLN A 13 8.29 -9.17 -23.41
CA GLN A 13 8.18 -7.82 -22.78
C GLN A 13 9.54 -7.42 -22.16
N GLY A 14 10.46 -8.34 -21.93
CA GLY A 14 11.62 -8.07 -21.04
C GLY A 14 11.15 -7.54 -19.67
N ALA A 15 11.82 -6.51 -19.16
CA ALA A 15 11.51 -5.80 -17.88
C ALA A 15 10.59 -4.60 -18.15
N ALA A 16 9.69 -4.69 -19.14
CA ALA A 16 8.70 -3.64 -19.45
C ALA A 16 8.27 -2.96 -18.15
N TYR A 17 8.24 -1.61 -18.13
CA TYR A 17 7.57 -0.75 -17.12
C TYR A 17 8.39 -0.67 -15.82
N LEU A 18 9.37 -1.54 -15.61
CA LEU A 18 9.94 -1.77 -14.25
C LEU A 18 10.58 -0.45 -13.81
N SER A 19 11.33 0.21 -14.68
CA SER A 19 12.03 1.45 -14.29
C SER A 19 11.02 2.55 -13.93
N ARG A 20 9.89 2.71 -14.63
CA ARG A 20 8.93 3.80 -14.35
C ARG A 20 8.06 3.44 -13.13
N ILE A 21 7.91 2.17 -12.80
CA ILE A 21 7.18 1.77 -11.56
C ILE A 21 8.09 2.05 -10.36
N GLN A 22 9.38 1.68 -10.45
CA GLN A 22 10.31 1.78 -9.30
C GLN A 22 10.69 3.23 -9.00
N ARG A 23 10.88 4.04 -10.04
CA ARG A 23 11.49 5.35 -9.96
C ARG A 23 10.74 6.29 -10.88
N GLY A 24 9.43 6.40 -10.66
CA GLY A 24 8.51 7.14 -11.53
C GLY A 24 8.43 8.59 -11.17
N GLY A 25 8.96 9.02 -10.04
CA GLY A 25 8.98 10.46 -9.69
C GLY A 25 7.70 11.07 -9.15
N HIS A 26 6.63 10.29 -8.91
CA HIS A 26 5.31 10.81 -8.54
C HIS A 26 4.68 10.03 -7.39
N ILE A 27 3.93 10.75 -6.58
CA ILE A 27 3.14 10.12 -5.50
C ILE A 27 1.68 10.53 -5.69
N GLN A 28 0.82 9.84 -4.97
CA GLN A 28 -0.61 10.18 -4.91
C GLN A 28 -0.80 11.39 -3.99
N PRO A 29 -1.69 12.33 -4.38
CA PRO A 29 -1.86 13.56 -3.62
C PRO A 29 -2.55 13.42 -2.25
N PHE A 30 -3.10 12.27 -1.88
CA PHE A 30 -3.81 12.14 -0.58
C PHE A 30 -2.79 12.24 0.57
N GLY A 31 -1.52 11.96 0.28
CA GLY A 31 -0.44 12.16 1.25
C GLY A 31 0.74 12.88 0.69
N CYS A 32 1.80 12.91 1.45
CA CYS A 32 3.08 13.50 1.04
C CYS A 32 4.24 12.64 1.52
N THR A 33 5.36 12.80 0.83
CA THR A 33 6.55 11.96 1.00
C THR A 33 7.74 12.87 1.26
N LEU A 34 8.59 12.42 2.17
CA LEU A 34 9.89 13.07 2.50
C LEU A 34 10.95 11.99 2.39
N ALA A 35 12.11 12.33 1.84
CA ALA A 35 13.30 11.48 1.93
C ALA A 35 14.33 12.25 2.76
N VAL A 36 14.87 11.57 3.75
CA VAL A 36 15.60 12.19 4.88
C VAL A 36 16.92 11.43 5.01
N ALA A 37 18.00 12.16 5.22
CA ALA A 37 19.34 11.61 5.45
C ALA A 37 19.27 10.69 6.67
N ASP A 38 19.98 9.59 6.56
CA ASP A 38 20.00 8.48 7.53
C ASP A 38 21.36 8.54 8.26
N ASP A 39 21.79 9.71 8.76
CA ASP A 39 23.11 9.93 9.42
C ASP A 39 22.94 10.69 10.73
N SER A 40 21.71 10.79 11.24
CA SER A 40 21.26 11.56 12.42
C SER A 40 21.18 13.07 12.21
N SER A 41 21.41 13.61 10.99
CA SER A 41 21.22 15.06 10.66
C SER A 41 19.75 15.37 10.30
N PHE A 42 18.96 14.38 9.85
CA PHE A 42 17.55 14.57 9.44
C PHE A 42 17.47 15.57 8.25
N ARG A 43 18.53 15.73 7.49
CA ARG A 43 18.51 16.66 6.32
C ARG A 43 17.51 16.13 5.28
N LEU A 44 16.70 17.04 4.73
CA LEU A 44 15.73 16.71 3.67
C LEU A 44 16.50 16.51 2.36
N LEU A 45 16.43 15.33 1.77
CA LEU A 45 17.04 14.98 0.48
C LEU A 45 16.00 15.16 -0.63
N ALA A 46 14.72 15.02 -0.32
CA ALA A 46 13.64 15.03 -1.34
C ALA A 46 12.32 15.21 -0.63
N PHE A 47 11.36 15.77 -1.34
CA PHE A 47 10.02 16.00 -0.79
C PHE A 47 9.06 16.09 -1.96
N SER A 48 7.87 15.56 -1.74
CA SER A 48 6.78 15.73 -2.71
C SER A 48 6.39 17.21 -2.72
N GLU A 49 6.02 17.71 -3.89
CA GLU A 49 5.81 19.16 -4.09
C GLU A 49 4.60 19.60 -3.30
N ASN A 50 3.75 18.68 -2.84
CA ASN A 50 2.59 19.01 -1.99
C ASN A 50 2.90 18.98 -0.49
N ALA A 51 4.13 18.69 -0.07
CA ALA A 51 4.44 18.49 1.36
C ALA A 51 4.11 19.76 2.16
N ALA A 52 4.58 20.94 1.74
CA ALA A 52 4.35 22.19 2.49
C ALA A 52 2.83 22.42 2.63
N ASP A 53 2.06 22.25 1.57
CA ASP A 53 0.58 22.42 1.57
C ASP A 53 -0.06 21.44 2.55
N LEU A 54 0.28 20.16 2.50
CA LEU A 54 -0.39 19.16 3.35
C LEU A 54 0.01 19.37 4.82
N LEU A 55 1.21 19.83 5.08
CA LEU A 55 1.71 20.05 6.47
C LEU A 55 1.30 21.44 6.98
N ASP A 56 0.61 22.25 6.16
CA ASP A 56 0.22 23.65 6.49
C ASP A 56 1.48 24.49 6.80
N LEU A 57 2.46 24.53 5.88
CA LEU A 57 3.81 25.13 6.11
C LEU A 57 4.23 26.03 4.95
N SER A 58 3.29 26.62 4.21
CA SER A 58 3.55 27.72 3.24
C SER A 58 3.45 29.08 3.95
N PRO A 71 14.27 30.91 4.64
CA PRO A 71 14.38 29.52 4.16
C PRO A 71 13.14 28.72 4.56
N PRO A 72 12.30 28.28 3.60
CA PRO A 72 11.06 27.58 3.97
C PRO A 72 11.39 26.29 4.70
N PRO A 73 10.59 25.88 5.70
CA PRO A 73 10.80 24.62 6.42
C PRO A 73 10.91 23.41 5.46
N VAL A 74 10.07 23.35 4.42
CA VAL A 74 10.20 22.27 3.40
C VAL A 74 11.14 22.73 2.30
N SER A 75 12.42 22.51 2.46
CA SER A 75 13.43 22.85 1.44
C SER A 75 14.59 21.88 1.58
N LEU A 76 15.29 21.66 0.48
CA LEU A 76 16.42 20.69 0.44
C LEU A 76 17.45 21.10 1.48
N GLY A 77 17.82 20.17 2.35
CA GLY A 77 18.88 20.38 3.34
C GLY A 77 18.34 20.83 4.69
N ALA A 78 17.07 21.16 4.78
CA ALA A 78 16.47 21.61 6.05
C ALA A 78 16.31 20.40 6.98
N ASP A 79 16.19 20.68 8.27
CA ASP A 79 15.98 19.63 9.30
C ASP A 79 14.52 19.18 9.21
N ALA A 80 14.31 17.91 8.79
CA ALA A 80 12.99 17.29 8.65
C ALA A 80 12.28 17.27 10.01
N ARG A 81 13.03 17.22 11.11
CA ARG A 81 12.36 17.22 12.44
C ARG A 81 11.58 18.49 12.68
N LEU A 82 12.01 19.63 12.12
CA LEU A 82 11.34 20.94 12.36
C LEU A 82 10.02 21.05 11.60
N LEU A 83 9.64 20.04 10.80
CA LEU A 83 8.28 20.00 10.19
C LEU A 83 7.26 19.55 11.22
N PHE A 84 7.71 18.87 12.27
CA PHE A 84 6.81 18.15 13.18
C PHE A 84 6.89 18.78 14.57
N SER A 85 5.94 18.42 15.41
CA SER A 85 5.91 18.85 16.82
C SER A 85 7.16 18.33 17.52
N PRO A 86 7.64 19.04 18.58
CA PRO A 86 8.81 18.56 19.33
C PRO A 86 8.69 17.11 19.85
N SER A 87 7.51 16.65 20.31
CA SER A 87 7.32 15.24 20.76
C SER A 87 7.37 14.30 19.55
N SER A 88 6.90 14.77 18.39
CA SER A 88 6.99 13.99 17.12
C SER A 88 8.46 13.78 16.75
N ALA A 89 9.29 14.81 16.94
CA ALA A 89 10.71 14.77 16.54
C ALA A 89 11.41 13.70 17.35
N VAL A 90 11.01 13.55 18.61
CA VAL A 90 11.62 12.52 19.49
C VAL A 90 11.22 11.14 18.97
N LEU A 91 9.97 10.95 18.56
CA LEU A 91 9.53 9.64 18.02
C LEU A 91 10.30 9.34 16.72
N LEU A 92 10.46 10.33 15.86
CA LEU A 92 11.25 10.14 14.61
C LEU A 92 12.70 9.74 14.95
N GLU A 93 13.32 10.40 15.91
CA GLU A 93 14.73 10.12 16.29
C GLU A 93 14.84 8.68 16.77
N ARG A 94 13.88 8.25 17.56
CA ARG A 94 13.85 6.87 18.04
C ARG A 94 13.70 5.91 16.86
N ALA A 95 12.77 6.20 15.95
CA ALA A 95 12.45 5.27 14.85
C ALA A 95 13.65 5.14 13.94
N PHE A 96 14.34 6.26 13.68
CA PHE A 96 15.52 6.24 12.78
C PHE A 96 16.65 5.47 13.43
N ALA A 97 16.80 5.56 14.75
CA ALA A 97 17.91 4.87 15.45
C ALA A 97 17.57 3.42 15.78
N ALA A 98 16.32 2.98 15.64
CA ALA A 98 15.90 1.60 15.98
C ALA A 98 16.67 0.59 15.14
N ARG A 99 16.83 -0.64 15.65
CA ARG A 99 17.50 -1.72 14.89
C ARG A 99 16.64 -2.11 13.67
N GLU A 100 15.31 -2.05 13.75
CA GLU A 100 14.42 -2.43 12.61
C GLU A 100 13.30 -1.39 12.50
N ILE A 101 13.36 -0.56 11.44
CA ILE A 101 12.51 0.65 11.31
C ILE A 101 11.05 0.25 11.16
N SER A 102 10.77 -0.89 10.54
CA SER A 102 9.39 -1.36 10.28
C SER A 102 8.60 -1.62 11.58
N LEU A 103 9.26 -1.95 12.70
CA LEU A 103 8.54 -2.36 13.93
C LEU A 103 7.70 -1.23 14.48
N LEU A 104 8.10 0.01 14.25
CA LEU A 104 7.40 1.17 14.83
C LEU A 104 6.34 1.72 13.89
N ASN A 105 6.19 1.20 12.66
CA ASN A 105 5.23 1.80 11.71
C ASN A 105 3.83 1.42 12.14
N PRO A 106 2.85 2.31 12.09
CA PRO A 106 3.03 3.70 11.70
C PRO A 106 3.34 4.56 12.91
N LEU A 107 4.03 5.68 12.74
CA LEU A 107 4.17 6.69 13.82
C LEU A 107 2.96 7.60 13.79
N TRP A 108 2.43 7.94 14.96
CA TRP A 108 1.36 8.97 15.09
C TRP A 108 2.04 10.29 15.37
N ILE A 109 2.12 11.21 14.40
CA ILE A 109 2.90 12.45 14.57
C ILE A 109 2.08 13.67 14.13
N HIS A 110 2.51 14.84 14.58
CA HIS A 110 1.73 16.08 14.37
C HIS A 110 2.62 17.06 13.63
N SER A 111 2.07 17.78 12.66
CA SER A 111 2.80 18.92 12.03
C SER A 111 3.09 19.97 13.11
N ARG A 112 4.19 20.71 12.97
CA ARG A 112 4.65 21.70 13.98
C ARG A 112 3.65 22.86 14.14
N VAL A 113 3.18 23.50 13.07
CA VAL A 113 2.42 24.78 13.27
C VAL A 113 0.93 24.49 13.49
N SER A 114 0.29 23.62 12.69
CA SER A 114 -1.18 23.35 12.73
C SER A 114 -1.55 22.20 13.67
N SER A 115 -0.58 21.38 14.12
CA SER A 115 -0.82 20.15 14.92
C SER A 115 -1.73 19.17 14.17
N LYS A 116 -1.68 19.14 12.84
CA LYS A 116 -2.47 18.15 12.05
C LYS A 116 -1.85 16.77 12.26
N PRO A 117 -2.64 15.77 12.58
CA PRO A 117 -2.13 14.42 12.80
C PRO A 117 -1.95 13.63 11.50
N PHE A 118 -0.88 12.85 11.47
CA PHE A 118 -0.50 11.99 10.34
C PHE A 118 -0.10 10.66 10.89
N TYR A 119 -0.41 9.63 10.15
CA TYR A 119 0.35 8.38 10.22
C TYR A 119 1.63 8.57 9.39
N ALA A 120 2.80 8.29 9.96
CA ALA A 120 4.09 8.28 9.23
C ALA A 120 4.55 6.85 9.07
N ILE A 121 4.82 6.45 7.83
CA ILE A 121 5.28 5.08 7.53
C ILE A 121 6.69 5.25 7.00
N LEU A 122 7.65 4.68 7.71
CA LEU A 122 9.09 4.82 7.39
C LEU A 122 9.64 3.58 6.72
N HIS A 123 10.56 3.75 5.78
CA HIS A 123 11.35 2.63 5.26
C HIS A 123 12.69 3.18 4.78
N ARG A 124 13.68 2.31 4.67
CA ARG A 124 15.04 2.69 4.24
C ARG A 124 15.22 2.41 2.76
N ILE A 125 15.85 3.32 2.05
CA ILE A 125 16.25 3.06 0.64
C ILE A 125 17.77 3.35 0.57
N ASP A 126 18.36 3.19 -0.62
CA ASP A 126 19.77 3.52 -0.95
C ASP A 126 20.20 4.84 -0.29
N VAL A 127 19.44 5.92 -0.47
CA VAL A 127 19.91 7.30 -0.15
C VAL A 127 19.54 7.71 1.26
N GLY A 128 18.70 6.97 1.99
CA GLY A 128 18.26 7.39 3.33
C GLY A 128 16.94 6.77 3.74
N VAL A 129 16.14 7.54 4.44
CA VAL A 129 14.84 7.05 4.95
C VAL A 129 13.74 7.81 4.22
N VAL A 130 12.79 7.06 3.72
CA VAL A 130 11.57 7.66 3.18
C VAL A 130 10.50 7.67 4.25
N ILE A 131 9.83 8.79 4.43
CA ILE A 131 8.67 8.97 5.34
C ILE A 131 7.44 9.24 4.47
N ASP A 132 6.49 8.31 4.42
CA ASP A 132 5.16 8.60 3.81
C ASP A 132 4.27 9.16 4.91
N LEU A 133 3.62 10.27 4.64
CA LEU A 133 2.72 10.91 5.60
C LEU A 133 1.30 10.79 5.07
N GLU A 134 0.43 10.11 5.79
CA GLU A 134 -1.00 9.98 5.41
C GLU A 134 -1.78 10.70 6.48
N PRO A 135 -2.55 11.77 6.14
CA PRO A 135 -3.36 12.49 7.12
C PRO A 135 -4.24 11.49 7.89
N ALA A 136 -4.27 11.65 9.21
CA ALA A 136 -5.17 10.89 10.10
C ALA A 136 -6.54 11.58 10.03
N ARG A 137 -7.60 10.82 9.74
CA ARG A 137 -8.97 11.37 9.51
C ARG A 137 -9.75 11.17 10.82
N THR A 138 -9.06 11.46 11.94
CA THR A 138 -9.51 11.61 13.34
C THR A 138 -8.37 12.34 14.05
N GLU A 139 -8.62 13.37 14.87
CA GLU A 139 -7.57 13.90 15.78
C GLU A 139 -7.61 13.07 17.07
N ASP A 140 -8.80 12.71 17.57
CA ASP A 140 -8.99 12.08 18.91
C ASP A 140 -8.10 10.84 19.04
N PRO A 141 -7.05 10.86 19.90
CA PRO A 141 -6.14 9.71 20.01
C PRO A 141 -6.84 8.38 20.31
N ALA A 142 -7.86 8.41 21.18
CA ALA A 142 -8.60 7.21 21.68
C ALA A 142 -9.41 6.55 20.54
N LEU A 143 -10.05 7.34 19.68
CA LEU A 143 -10.74 6.80 18.46
C LEU A 143 -9.70 6.26 17.46
N SER A 144 -8.51 6.87 17.38
CA SER A 144 -7.35 6.40 16.57
C SER A 144 -6.96 5.01 17.05
N ILE A 145 -6.69 4.88 18.37
CA ILE A 145 -6.38 3.59 19.05
C ILE A 145 -7.56 2.62 18.81
N ALA A 146 -8.82 3.06 18.94
CA ALA A 146 -10.01 2.18 18.80
C ALA A 146 -10.07 1.58 17.38
N GLY A 147 -9.81 2.39 16.34
CA GLY A 147 -9.60 1.94 14.95
C GLY A 147 -8.45 0.95 14.81
N ALA A 148 -7.25 1.26 15.35
CA ALA A 148 -6.06 0.35 15.34
C ALA A 148 -6.46 -1.02 15.84
N VAL A 149 -6.98 -1.00 17.07
CA VAL A 149 -7.30 -2.20 17.90
C VAL A 149 -8.33 -3.00 17.12
N GLN A 150 -9.46 -2.39 16.76
CA GLN A 150 -10.57 -3.15 16.12
C GLN A 150 -10.04 -3.90 14.88
N SER A 151 -9.17 -3.28 14.07
CA SER A 151 -8.63 -3.86 12.80
C SER A 151 -7.83 -5.13 13.07
N GLN A 152 -6.83 -5.02 13.92
CA GLN A 152 -5.94 -6.11 14.36
C GLN A 152 -6.79 -7.29 14.89
N LYS A 153 -7.75 -6.99 15.75
CA LYS A 153 -8.62 -8.03 16.37
C LYS A 153 -9.53 -8.57 15.28
N LEU A 154 -9.92 -7.74 14.29
CA LEU A 154 -10.73 -8.27 13.14
C LEU A 154 -9.87 -9.23 12.30
N ALA A 155 -8.60 -8.92 12.08
CA ALA A 155 -7.72 -9.80 11.29
C ALA A 155 -7.55 -11.13 12.04
N VAL A 156 -7.27 -11.07 13.34
CA VAL A 156 -7.11 -12.34 14.12
C VAL A 156 -8.40 -13.15 14.07
N ARG A 157 -9.55 -12.50 14.22
CA ARG A 157 -10.89 -13.17 14.14
C ARG A 157 -11.05 -13.78 12.75
N ALA A 158 -10.83 -13.00 11.69
CA ALA A 158 -10.83 -13.52 10.30
C ALA A 158 -9.93 -14.72 10.21
N ILE A 159 -8.72 -14.66 10.76
CA ILE A 159 -7.73 -15.76 10.60
C ILE A 159 -8.28 -16.99 11.31
N SER A 160 -8.83 -16.84 12.50
CA SER A 160 -9.35 -18.03 13.24
C SER A 160 -10.55 -18.60 12.46
N ARG A 161 -11.44 -17.76 11.92
CA ARG A 161 -12.57 -18.25 11.08
C ARG A 161 -12.03 -19.01 9.85
N LEU A 162 -10.85 -18.68 9.30
CA LEU A 162 -10.26 -19.42 8.15
C LEU A 162 -9.70 -20.75 8.66
N GLN A 163 -9.13 -20.76 9.86
CA GLN A 163 -8.61 -21.97 10.55
C GLN A 163 -9.74 -22.98 10.79
N ALA A 164 -10.95 -22.49 11.07
CA ALA A 164 -12.16 -23.26 11.49
C ALA A 164 -12.88 -23.84 10.27
N LEU A 165 -12.20 -23.96 9.13
CA LEU A 165 -12.85 -24.19 7.82
C LEU A 165 -12.64 -25.66 7.46
N PRO A 166 -13.70 -26.37 7.02
CA PRO A 166 -13.53 -27.74 6.55
C PRO A 166 -12.49 -27.76 5.42
N GLY A 167 -11.42 -28.56 5.56
CA GLY A 167 -10.32 -28.67 4.58
C GLY A 167 -10.79 -29.12 3.20
N GLY A 168 -9.87 -29.15 2.22
CA GLY A 168 -10.06 -29.61 0.83
C GLY A 168 -11.09 -28.81 0.02
N ASP A 169 -11.26 -27.51 0.30
CA ASP A 169 -12.27 -26.64 -0.36
C ASP A 169 -11.68 -25.22 -0.57
N ILE A 170 -10.74 -25.11 -1.52
CA ILE A 170 -10.06 -23.83 -1.87
C ILE A 170 -11.11 -22.77 -2.23
N LYS A 171 -12.20 -23.17 -2.91
CA LYS A 171 -13.30 -22.26 -3.29
C LYS A 171 -13.95 -21.64 -2.04
N LEU A 172 -14.15 -22.43 -0.99
CA LEU A 172 -14.78 -21.91 0.25
C LEU A 172 -13.77 -21.00 0.97
N LEU A 173 -12.50 -21.36 0.95
CA LEU A 173 -11.43 -20.52 1.52
C LEU A 173 -11.48 -19.15 0.82
N CYS A 174 -11.50 -19.10 -0.51
CA CYS A 174 -11.53 -17.83 -1.29
C CYS A 174 -12.82 -17.05 -1.00
N ASP A 175 -13.98 -17.73 -0.94
CA ASP A 175 -15.28 -17.05 -0.67
C ASP A 175 -15.29 -16.47 0.75
N THR A 176 -14.65 -17.13 1.72
CA THR A 176 -14.61 -16.62 3.12
C THR A 176 -13.68 -15.39 3.21
N VAL A 177 -12.47 -15.51 2.67
CA VAL A 177 -11.51 -14.39 2.54
C VAL A 177 -12.25 -13.15 2.01
N VAL A 178 -12.98 -13.24 0.89
CA VAL A 178 -13.51 -12.01 0.26
C VAL A 178 -14.53 -11.37 1.21
N GLU A 179 -15.32 -12.18 1.92
CA GLU A 179 -16.34 -11.65 2.86
C GLU A 179 -15.62 -10.94 4.02
N HIS A 180 -14.61 -11.57 4.62
CA HIS A 180 -13.84 -10.99 5.75
C HIS A 180 -13.10 -9.72 5.32
N VAL A 181 -12.51 -9.72 4.13
CA VAL A 181 -11.75 -8.53 3.65
C VAL A 181 -12.75 -7.44 3.37
N ARG A 182 -13.92 -7.76 2.78
CA ARG A 182 -14.92 -6.71 2.51
C ARG A 182 -15.44 -6.10 3.83
N GLU A 183 -15.66 -6.92 4.86
CA GLU A 183 -16.13 -6.38 6.16
C GLU A 183 -15.01 -5.51 6.77
N LEU A 184 -13.76 -5.97 6.76
CA LEU A 184 -12.58 -5.25 7.33
C LEU A 184 -12.38 -3.91 6.61
N THR A 185 -12.41 -3.87 5.27
CA THR A 185 -11.92 -2.71 4.48
C THR A 185 -13.04 -1.79 4.05
N GLY A 186 -14.26 -2.30 3.90
CA GLY A 186 -15.39 -1.51 3.41
C GLY A 186 -15.40 -1.24 1.92
N TYR A 187 -14.57 -1.89 1.11
CA TYR A 187 -14.56 -1.61 -0.34
C TYR A 187 -15.88 -2.15 -0.96
N ASP A 188 -16.35 -1.47 -1.99
CA ASP A 188 -17.53 -1.81 -2.81
C ASP A 188 -17.41 -3.22 -3.41
N ARG A 189 -16.20 -3.65 -3.78
CA ARG A 189 -16.01 -4.91 -4.50
C ARG A 189 -14.73 -5.53 -4.01
N VAL A 190 -14.76 -6.79 -3.66
CA VAL A 190 -13.56 -7.53 -3.22
C VAL A 190 -13.53 -8.83 -3.98
N MET A 191 -12.41 -9.09 -4.62
CA MET A 191 -12.25 -10.24 -5.51
C MET A 191 -11.02 -11.00 -5.17
N VAL A 192 -11.07 -12.27 -5.46
CA VAL A 192 -9.85 -13.09 -5.57
C VAL A 192 -9.62 -13.30 -7.06
N TYR A 193 -8.43 -12.93 -7.49
CA TYR A 193 -7.94 -13.03 -8.89
C TYR A 193 -6.84 -14.08 -8.88
N ARG A 194 -7.06 -15.22 -9.56
CA ARG A 194 -6.11 -16.34 -9.58
C ARG A 194 -5.38 -16.33 -10.92
N PHE A 195 -4.07 -16.45 -10.89
CA PHE A 195 -3.24 -16.55 -12.11
C PHE A 195 -3.28 -17.98 -12.59
N HIS A 196 -3.62 -18.14 -13.85
CA HIS A 196 -3.51 -19.42 -14.57
C HIS A 196 -2.04 -19.62 -14.92
N GLU A 197 -1.69 -20.86 -15.26
CA GLU A 197 -0.40 -21.34 -15.82
C GLU A 197 0.10 -20.36 -16.91
N ASP A 198 -0.75 -19.93 -17.84
CA ASP A 198 -0.37 -19.04 -18.97
C ASP A 198 -0.33 -17.56 -18.53
N GLU A 199 -0.50 -17.28 -17.24
CA GLU A 199 -0.30 -15.96 -16.55
C GLU A 199 -1.51 -15.03 -16.75
N HIS A 200 -2.51 -15.42 -17.55
CA HIS A 200 -3.83 -14.76 -17.56
C HIS A 200 -4.52 -15.08 -16.23
N GLY A 201 -5.47 -14.26 -15.84
CA GLY A 201 -6.12 -14.41 -14.55
C GLY A 201 -7.61 -14.55 -14.68
N GLU A 202 -8.21 -15.05 -13.60
CA GLU A 202 -9.66 -15.25 -13.49
C GLU A 202 -10.13 -14.78 -12.12
N VAL A 203 -11.26 -14.08 -12.07
CA VAL A 203 -11.92 -13.74 -10.79
C VAL A 203 -12.62 -15.01 -10.31
N VAL A 204 -12.12 -15.59 -9.23
CA VAL A 204 -12.60 -16.90 -8.67
C VAL A 204 -13.43 -16.68 -7.40
N ALA A 205 -13.50 -15.48 -6.85
CA ALA A 205 -14.40 -15.19 -5.71
C ALA A 205 -14.65 -13.71 -5.70
N GLU A 206 -15.85 -13.31 -5.28
CA GLU A 206 -16.25 -11.91 -5.29
C GLU A 206 -17.26 -11.71 -4.18
N SER A 207 -17.13 -10.61 -3.46
CA SER A 207 -18.20 -10.08 -2.59
C SER A 207 -18.34 -8.63 -3.01
N ARG A 208 -19.51 -8.21 -3.47
CA ARG A 208 -19.73 -6.85 -3.98
C ARG A 208 -21.05 -6.25 -3.49
N ARG A 209 -21.10 -4.93 -3.45
CA ARG A 209 -22.34 -4.14 -3.36
C ARG A 209 -23.33 -4.67 -4.43
N ASP A 210 -24.59 -4.88 -4.05
CA ASP A 210 -25.52 -5.67 -4.91
C ASP A 210 -25.93 -4.87 -6.17
N ASN A 211 -25.82 -3.54 -6.24
CA ASN A 211 -26.10 -2.79 -7.51
C ASN A 211 -24.85 -2.71 -8.44
N LEU A 212 -23.83 -3.52 -8.21
CA LEU A 212 -22.65 -3.55 -9.12
C LEU A 212 -22.75 -4.83 -9.94
N GLU A 213 -22.41 -4.72 -11.22
CA GLU A 213 -22.25 -5.87 -12.16
C GLU A 213 -21.21 -6.84 -11.59
N PRO A 214 -21.46 -8.15 -11.51
CA PRO A 214 -20.46 -9.09 -11.03
C PRO A 214 -19.31 -9.22 -12.03
N TYR A 215 -18.10 -9.43 -11.52
CA TYR A 215 -16.93 -9.80 -12.36
C TYR A 215 -16.60 -11.26 -12.12
N LEU A 216 -17.32 -11.94 -11.22
CA LEU A 216 -17.02 -13.35 -10.93
C LEU A 216 -17.05 -14.17 -12.23
N GLY A 217 -16.07 -15.03 -12.41
CA GLY A 217 -15.88 -15.92 -13.58
C GLY A 217 -15.20 -15.26 -14.78
N LEU A 218 -14.99 -13.95 -14.77
CA LEU A 218 -14.37 -13.23 -15.91
C LEU A 218 -12.86 -13.50 -15.94
N HIS A 219 -12.31 -13.56 -17.16
CA HIS A 219 -10.90 -13.86 -17.49
C HIS A 219 -10.29 -12.63 -18.11
N TYR A 220 -9.04 -12.35 -17.75
CA TYR A 220 -8.34 -11.15 -18.21
C TYR A 220 -6.98 -11.58 -18.74
N PRO A 221 -6.51 -10.90 -19.79
CA PRO A 221 -5.22 -11.20 -20.40
C PRO A 221 -4.05 -11.04 -19.42
N ALA A 222 -3.03 -11.87 -19.61
CA ALA A 222 -1.78 -11.81 -18.86
C ALA A 222 -1.20 -10.40 -18.94
N THR A 223 -1.35 -9.72 -20.08
CA THR A 223 -0.70 -8.41 -20.30
C THR A 223 -1.33 -7.31 -19.43
N ASP A 224 -2.52 -7.52 -18.87
CA ASP A 224 -3.12 -6.49 -17.96
C ASP A 224 -2.30 -6.31 -16.66
N ILE A 225 -1.56 -7.34 -16.24
CA ILE A 225 -0.69 -7.29 -15.03
C ILE A 225 0.69 -7.73 -15.47
N PRO A 226 1.53 -6.79 -15.85
CA PRO A 226 2.86 -7.12 -16.38
C PRO A 226 3.73 -7.80 -15.32
N GLN A 227 4.74 -8.53 -15.79
CA GLN A 227 5.68 -9.30 -14.92
C GLN A 227 6.24 -8.35 -13.87
N ALA A 228 6.56 -7.10 -14.24
CA ALA A 228 7.18 -6.12 -13.31
C ALA A 228 6.26 -5.91 -12.09
N SER A 229 4.96 -5.79 -12.34
CA SER A 229 3.97 -5.56 -11.27
C SER A 229 3.89 -6.83 -10.44
N ARG A 230 3.81 -7.99 -11.08
CA ARG A 230 3.71 -9.28 -10.34
C ARG A 230 4.94 -9.43 -9.45
N PHE A 231 6.10 -9.05 -9.96
CA PHE A 231 7.38 -9.20 -9.23
C PHE A 231 7.35 -8.29 -8.00
N LEU A 232 6.86 -7.06 -8.14
CA LEU A 232 6.93 -6.09 -7.02
C LEU A 232 6.03 -6.54 -5.86
N PHE A 233 4.95 -7.25 -6.16
CA PHE A 233 3.99 -7.76 -5.15
C PHE A 233 4.69 -8.77 -4.25
N ARG A 234 5.81 -9.35 -4.66
CA ARG A 234 6.58 -10.26 -3.74
C ARG A 234 7.14 -9.44 -2.56
N GLN A 235 7.66 -8.24 -2.81
CA GLN A 235 8.34 -7.45 -1.74
C GLN A 235 7.33 -6.45 -1.14
N ASN A 236 6.33 -6.00 -1.91
CA ASN A 236 5.42 -4.90 -1.49
C ASN A 236 4.02 -5.48 -1.56
N ARG A 237 3.53 -6.10 -0.49
CA ARG A 237 2.44 -7.08 -0.62
C ARG A 237 1.08 -6.40 -0.64
N VAL A 238 0.99 -5.12 -0.26
CA VAL A 238 -0.28 -4.37 -0.24
C VAL A 238 -0.07 -3.04 -0.95
N ARG A 239 -0.94 -2.71 -1.87
CA ARG A 239 -0.83 -1.44 -2.65
C ARG A 239 -2.19 -0.76 -2.65
N MET A 240 -2.25 0.50 -2.23
CA MET A 240 -3.51 1.26 -2.21
C MET A 240 -3.40 2.43 -3.20
N ILE A 241 -4.46 2.64 -3.96
CA ILE A 241 -4.63 3.78 -4.89
C ILE A 241 -5.94 4.44 -4.44
N ALA A 242 -5.83 5.67 -3.98
CA ALA A 242 -6.96 6.43 -3.38
C ALA A 242 -7.92 6.94 -4.46
N ASP A 243 -7.39 7.36 -5.60
CA ASP A 243 -8.25 7.93 -6.67
C ASP A 243 -7.52 7.87 -8.01
N CYS A 244 -8.04 7.07 -8.93
CA CYS A 244 -7.36 6.88 -10.22
C CYS A 244 -7.33 8.19 -11.01
N HIS A 245 -8.22 9.15 -10.75
CA HIS A 245 -8.27 10.44 -11.49
C HIS A 245 -7.38 11.51 -10.87
N ALA A 246 -6.84 11.23 -9.70
CA ALA A 246 -6.02 12.22 -8.97
C ALA A 246 -4.80 12.51 -9.83
N THR A 247 -4.44 13.75 -9.87
CA THR A 247 -3.24 14.25 -10.57
C THR A 247 -2.02 13.82 -9.76
N PRO A 248 -1.06 13.09 -10.31
CA PRO A 248 0.13 12.71 -9.55
C PRO A 248 0.99 13.92 -9.17
N VAL A 249 1.69 13.80 -8.06
CA VAL A 249 2.47 14.90 -7.44
C VAL A 249 3.95 14.62 -7.69
N ARG A 250 4.69 15.56 -8.21
CA ARG A 250 6.13 15.32 -8.43
C ARG A 250 6.98 15.43 -7.16
N VAL A 251 8.14 14.79 -7.22
CA VAL A 251 9.12 14.78 -6.10
C VAL A 251 10.27 15.71 -6.47
N ILE A 252 10.53 16.67 -5.61
CA ILE A 252 11.69 17.58 -5.67
C ILE A 252 12.85 16.88 -4.98
N GLN A 253 13.99 16.78 -5.64
CA GLN A 253 15.12 16.04 -5.06
C GLN A 253 16.42 16.83 -5.15
N ASP A 254 17.26 16.55 -4.18
CA ASP A 254 18.63 17.07 -4.11
C ASP A 254 19.28 16.86 -5.49
N PRO A 255 19.99 17.86 -6.01
CA PRO A 255 20.62 17.75 -7.33
C PRO A 255 21.75 16.70 -7.35
N GLY A 256 22.28 16.30 -6.17
CA GLY A 256 23.31 15.25 -6.08
C GLY A 256 22.75 13.88 -6.38
N MET A 257 21.43 13.66 -6.31
CA MET A 257 20.85 12.32 -6.58
C MET A 257 20.82 12.13 -8.11
N SER A 258 21.43 11.08 -8.62
CA SER A 258 21.64 10.93 -10.08
C SER A 258 20.50 10.12 -10.70
N GLN A 259 19.52 9.66 -9.91
CA GLN A 259 18.34 9.02 -10.52
C GLN A 259 17.14 9.36 -9.68
N PRO A 260 15.92 9.25 -10.25
CA PRO A 260 14.72 9.50 -9.47
C PRO A 260 14.69 8.60 -8.21
N LEU A 261 14.21 9.19 -7.13
CA LEU A 261 13.99 8.50 -5.83
C LEU A 261 13.37 7.11 -6.04
N CYS A 262 13.84 6.10 -5.35
CA CYS A 262 13.17 4.79 -5.33
C CYS A 262 11.85 4.88 -4.54
N LEU A 263 10.68 4.73 -5.20
CA LEU A 263 9.36 4.90 -4.50
C LEU A 263 8.65 3.58 -4.40
N VAL A 264 9.32 2.52 -4.82
CA VAL A 264 8.69 1.18 -4.91
C VAL A 264 8.18 0.77 -3.54
N GLY A 265 8.82 1.19 -2.44
CA GLY A 265 8.36 0.84 -1.10
C GLY A 265 7.41 1.85 -0.46
N SER A 266 7.07 2.91 -1.16
CA SER A 266 6.26 4.00 -0.61
C SER A 266 4.80 3.57 -0.66
N THR A 267 4.05 3.86 0.38
CA THR A 267 2.58 3.62 0.36
C THR A 267 1.91 4.57 -0.66
N LEU A 268 2.57 5.67 -1.03
CA LEU A 268 1.93 6.76 -1.81
C LEU A 268 2.40 6.76 -3.26
N ARG A 269 3.13 5.77 -3.69
CA ARG A 269 3.63 5.69 -5.08
C ARG A 269 2.43 5.82 -6.06
N ALA A 270 2.53 6.71 -7.03
CA ALA A 270 1.45 6.99 -7.99
C ALA A 270 1.37 5.82 -8.95
N PRO A 271 0.17 5.42 -9.38
CA PRO A 271 0.08 4.35 -10.38
C PRO A 271 0.69 4.79 -11.71
N HIS A 272 1.29 3.83 -12.40
CA HIS A 272 1.70 3.98 -13.81
C HIS A 272 0.48 4.53 -14.57
N GLY A 273 0.68 5.53 -15.43
CA GLY A 273 -0.43 6.12 -16.19
C GLY A 273 -1.25 5.12 -16.97
N CYS A 274 -0.68 4.01 -17.45
CA CYS A 274 -1.49 2.99 -18.18
C CYS A 274 -2.49 2.35 -17.21
N HIS A 275 -2.07 2.04 -15.99
CA HIS A 275 -2.95 1.46 -14.96
C HIS A 275 -3.99 2.48 -14.52
N ALA A 276 -3.63 3.74 -14.30
CA ALA A 276 -4.56 4.81 -13.87
C ALA A 276 -5.70 4.87 -14.89
N GLN A 277 -5.36 4.75 -16.18
CA GLN A 277 -6.36 4.82 -17.26
C GLN A 277 -7.18 3.54 -17.25
N TYR A 278 -6.56 2.39 -17.00
CA TYR A 278 -7.24 1.09 -16.89
C TYR A 278 -8.32 1.18 -15.82
N MET A 279 -7.94 1.73 -14.66
CA MET A 279 -8.86 1.79 -13.49
C MET A 279 -10.02 2.74 -13.84
N ALA A 280 -9.73 3.85 -14.51
CA ALA A 280 -10.75 4.86 -14.92
C ALA A 280 -11.74 4.18 -15.87
N ASN A 281 -11.23 3.37 -16.81
CA ASN A 281 -12.10 2.70 -17.83
C ASN A 281 -12.94 1.63 -17.17
N MET A 282 -12.45 1.02 -16.09
CA MET A 282 -13.18 -0.04 -15.37
C MET A 282 -14.17 0.58 -14.37
N GLY A 283 -14.03 1.87 -14.00
CA GLY A 283 -14.80 2.54 -12.95
C GLY A 283 -14.33 2.17 -11.54
N SER A 284 -13.13 1.62 -11.41
CA SER A 284 -12.53 1.36 -10.06
C SER A 284 -11.85 2.67 -9.70
N ILE A 285 -12.56 3.57 -9.04
CA ILE A 285 -11.98 4.88 -8.67
C ILE A 285 -10.82 4.61 -7.68
N ALA A 286 -11.03 3.69 -6.75
CA ALA A 286 -10.02 3.42 -5.72
C ALA A 286 -9.75 1.95 -5.69
N SER A 287 -8.55 1.55 -5.30
CA SER A 287 -8.27 0.12 -5.18
C SER A 287 -7.38 -0.15 -3.97
N LEU A 288 -7.47 -1.37 -3.57
CA LEU A 288 -6.53 -1.96 -2.61
C LEU A 288 -6.24 -3.34 -3.12
N VAL A 289 -4.96 -3.58 -3.41
CA VAL A 289 -4.56 -4.88 -4.02
C VAL A 289 -3.55 -5.51 -3.10
N MET A 290 -3.78 -6.78 -2.80
CA MET A 290 -2.89 -7.55 -1.90
C MET A 290 -2.47 -8.87 -2.52
N ALA A 291 -1.21 -9.19 -2.33
CA ALA A 291 -0.55 -10.39 -2.88
C ALA A 291 -1.00 -11.61 -2.10
N VAL A 292 -1.35 -12.67 -2.82
CA VAL A 292 -1.55 -14.04 -2.24
C VAL A 292 -0.29 -14.84 -2.60
N ILE A 293 0.59 -15.04 -1.62
CA ILE A 293 1.92 -15.65 -1.81
C ILE A 293 1.87 -17.06 -1.25
N ILE A 294 2.33 -18.04 -2.02
CA ILE A 294 2.50 -19.45 -1.55
C ILE A 294 3.93 -19.91 -1.82
N SER A 295 4.33 -21.04 -1.24
CA SER A 295 5.62 -21.72 -1.55
C SER A 295 5.58 -22.29 -2.97
N SER A 296 6.70 -22.19 -3.70
CA SER A 296 6.98 -22.88 -4.98
C SER A 296 7.71 -24.21 -4.71
N ALA A 311 11.44 -19.62 -3.80
CA ALA A 311 10.86 -20.22 -2.58
C ALA A 311 9.40 -19.77 -2.39
N MET A 312 8.98 -18.69 -3.06
CA MET A 312 7.60 -18.14 -2.98
C MET A 312 7.05 -17.86 -4.39
N LYS A 313 5.76 -18.07 -4.59
CA LYS A 313 5.06 -17.87 -5.89
C LYS A 313 3.86 -16.94 -5.65
N LEU A 314 3.64 -16.00 -6.54
CA LEU A 314 2.40 -15.19 -6.53
C LEU A 314 1.29 -16.04 -7.16
N TRP A 315 0.39 -16.54 -6.36
CA TRP A 315 -0.76 -17.37 -6.77
C TRP A 315 -1.85 -16.49 -7.35
N GLY A 316 -1.98 -15.32 -6.77
CA GLY A 316 -3.11 -14.47 -7.10
C GLY A 316 -3.06 -13.20 -6.31
N LEU A 317 -4.15 -12.47 -6.41
CA LEU A 317 -4.31 -11.16 -5.77
C LEU A 317 -5.68 -11.14 -5.11
N VAL A 318 -5.77 -10.47 -3.98
CA VAL A 318 -7.07 -9.93 -3.53
C VAL A 318 -7.17 -8.51 -4.03
N VAL A 319 -8.18 -8.25 -4.82
CA VAL A 319 -8.35 -6.96 -5.51
C VAL A 319 -9.61 -6.31 -4.96
N CYS A 320 -9.46 -5.14 -4.34
CA CYS A 320 -10.58 -4.35 -3.81
C CYS A 320 -10.76 -3.14 -4.67
N HIS A 321 -11.99 -2.89 -5.12
CA HIS A 321 -12.35 -1.68 -5.84
C HIS A 321 -13.42 -0.95 -5.07
N HIS A 322 -13.37 0.35 -5.19
CA HIS A 322 -14.41 1.27 -4.71
C HIS A 322 -14.82 2.11 -5.91
N THR A 323 -16.09 2.50 -5.96
CA THR A 323 -16.66 3.38 -7.02
C THR A 323 -16.59 4.84 -6.60
N SER A 324 -15.97 5.17 -5.47
CA SER A 324 -15.58 6.54 -5.08
C SER A 324 -14.16 6.48 -4.49
N PRO A 325 -13.52 7.63 -4.23
CA PRO A 325 -12.19 7.65 -3.61
C PRO A 325 -12.24 6.99 -2.23
N ARG A 326 -11.15 6.33 -1.89
CA ARG A 326 -11.09 5.59 -0.62
C ARG A 326 -9.62 5.50 -0.24
N CYS A 327 -9.33 5.78 1.03
CA CYS A 327 -7.93 5.61 1.50
C CYS A 327 -7.98 5.15 2.96
N ILE A 328 -8.02 3.86 3.20
CA ILE A 328 -8.20 3.35 4.60
C ILE A 328 -6.90 3.58 5.37
N PRO A 329 -6.98 3.72 6.71
CA PRO A 329 -5.79 4.03 7.52
C PRO A 329 -4.81 2.86 7.48
N PHE A 330 -3.52 3.18 7.65
CA PHE A 330 -2.44 2.18 7.60
C PHE A 330 -2.70 1.01 8.54
N PRO A 331 -3.18 1.19 9.80
CA PRO A 331 -3.39 0.00 10.66
C PRO A 331 -4.33 -1.06 10.07
N LEU A 332 -5.32 -0.64 9.29
CA LEU A 332 -6.28 -1.56 8.63
C LEU A 332 -5.57 -2.28 7.51
N ARG A 333 -4.73 -1.55 6.74
CA ARG A 333 -3.92 -2.18 5.66
CA ARG A 333 -3.92 -2.17 5.66
C ARG A 333 -2.95 -3.19 6.27
N TYR A 334 -2.37 -2.87 7.42
CA TYR A 334 -1.43 -3.85 8.05
C TYR A 334 -2.22 -5.11 8.43
N ALA A 335 -3.39 -4.93 9.04
CA ALA A 335 -4.29 -6.04 9.47
C ALA A 335 -4.64 -6.90 8.25
N CYS A 336 -4.92 -6.27 7.10
CA CYS A 336 -5.11 -7.02 5.82
C CYS A 336 -3.86 -7.82 5.45
N GLU A 337 -2.70 -7.19 5.53
CA GLU A 337 -1.42 -7.83 5.16
C GLU A 337 -1.25 -9.11 5.98
N PHE A 338 -1.53 -9.11 7.29
CA PHE A 338 -1.22 -10.37 8.03
C PHE A 338 -2.36 -11.38 7.84
N LEU A 339 -3.59 -10.94 7.59
CA LEU A 339 -4.67 -11.83 7.12
C LEU A 339 -4.21 -12.49 5.82
N MET A 340 -3.64 -11.70 4.90
CA MET A 340 -3.22 -12.26 3.60
C MET A 340 -2.08 -13.26 3.81
N GLN A 341 -1.13 -13.00 4.72
CA GLN A 341 -0.09 -14.02 5.09
C GLN A 341 -0.80 -15.31 5.53
N ALA A 342 -1.80 -15.19 6.40
CA ALA A 342 -2.53 -16.37 6.93
C ALA A 342 -3.28 -17.09 5.81
N PHE A 343 -3.92 -16.33 4.92
CA PHE A 343 -4.57 -16.91 3.71
C PHE A 343 -3.53 -17.68 2.87
N GLY A 344 -2.38 -17.09 2.56
CA GLY A 344 -1.34 -17.74 1.75
C GLY A 344 -0.94 -19.10 2.34
N LEU A 345 -0.76 -19.15 3.66
CA LEU A 345 -0.26 -20.35 4.38
C LEU A 345 -1.35 -21.41 4.36
N GLN A 346 -2.61 -21.05 4.62
CA GLN A 346 -3.72 -22.01 4.56
C GLN A 346 -3.89 -22.49 3.12
N LEU A 347 -3.79 -21.58 2.15
CA LEU A 347 -3.97 -21.93 0.72
C LEU A 347 -2.86 -22.90 0.32
N ASN A 348 -1.64 -22.62 0.76
CA ASN A 348 -0.43 -23.41 0.43
C ASN A 348 -0.52 -24.83 1.02
N MET A 349 -1.14 -24.95 2.20
CA MET A 349 -1.44 -26.25 2.87
C MET A 349 -2.43 -27.03 2.00
N GLU A 350 -3.58 -26.46 1.64
CA GLU A 350 -4.67 -27.12 0.85
C GLU A 350 -4.23 -27.45 -0.60
N LEU A 351 -3.16 -26.82 -1.12
CA LEU A 351 -2.63 -27.06 -2.49
C LEU A 351 -1.64 -28.23 -2.47
N GLN A 352 -0.68 -28.23 -1.54
CA GLN A 352 0.24 -29.38 -1.33
C GLN A 352 -0.58 -30.61 -0.90
N LEU A 353 -1.65 -30.40 -0.12
CA LEU A 353 -2.73 -31.40 0.15
C LEU A 353 -3.70 -31.38 -1.04
CHA CYC B . -1.03 -3.37 -12.71
NA CYC B . -3.18 -4.31 -13.44
C1A CYC B . -2.25 -3.99 -12.49
C2A CYC B . -2.76 -4.33 -11.17
C3A CYC B . -3.97 -4.93 -11.37
C4A CYC B . -4.25 -4.87 -12.80
CMA CYC B . -4.78 -5.61 -10.31
CAA CYC B . -2.05 -4.04 -9.88
CBA CYC B . -2.18 -2.55 -9.59
CGA CYC B . -1.96 -2.13 -8.16
O1A CYC B . -0.82 -2.16 -7.73
O2A CYC B . -2.93 -1.70 -7.52
CHB CYC B . -5.29 -5.51 -13.46
NB CYC B . -7.24 -5.11 -12.05
C1B CYC B . -6.57 -5.77 -13.05
C2B CYC B . -7.44 -6.71 -13.62
C3B CYC B . -8.66 -6.64 -13.00
C4B CYC B . -8.55 -5.52 -12.03
CMB CYC B . -7.10 -7.72 -14.66
CAB CYC B . -9.87 -7.50 -13.08
CBB CYC B . -10.04 -8.36 -11.84
OB CYC B . -9.42 -5.07 -11.32
NC CYC B . -2.24 -2.49 -18.00
C1C CYC B . -2.98 -2.66 -19.14
C2C CYC B . -2.11 -2.38 -20.35
C3C CYC B . -0.75 -1.95 -19.76
C4C CYC B . -0.92 -2.18 -18.27
CMC CYC B . -2.07 -3.53 -21.33
CAC CYC B . -0.39 -0.49 -20.05
CBC CYC B . 0.03 -0.28 -21.49
OC CYC B . -4.14 -3.02 -19.16
CHD CYC B . 0.03 -2.02 -17.35
ND CYC B . -0.83 -2.85 -15.15
C1D CYC B . 0.03 -2.15 -15.94
C2D CYC B . 1.02 -1.60 -15.10
C3D CYC B . 0.73 -1.97 -13.80
C4D CYC B . -0.45 -2.75 -13.82
CMD CYC B . 2.16 -0.78 -15.57
CAD CYC B . 1.52 -1.60 -12.58
CBD CYC B . 0.98 -0.30 -12.03
CGD CYC B . 1.79 0.30 -10.89
O1D CYC B . 2.19 -0.44 -10.02
O2D CYC B . 1.86 1.51 -10.82
C1 GOL C . 5.31 -13.48 -10.91
O1 GOL C . 4.09 -13.84 -11.55
C2 GOL C . 5.21 -13.58 -9.39
O2 GOL C . 5.69 -12.41 -8.74
C3 GOL C . 5.93 -14.79 -8.81
O3 GOL C . 5.20 -16.00 -8.99
C1 BME D . 15.20 -0.48 -5.72
C2 BME D . 14.93 0.51 -6.81
O1 BME D . 14.46 -1.64 -5.99
S2 BME D . 13.50 1.58 -6.51
C1 BME E . -10.84 9.76 -0.02
C2 BME E . -9.51 9.20 -0.43
O1 BME E . -10.98 9.84 1.36
S2 BME E . -8.10 9.76 0.58
C1 PEG F . 21.00 21.77 0.01
O1 PEG F . 21.10 20.50 -0.62
C2 PEG F . 22.13 22.68 -0.38
O2 PEG F . 21.61 23.92 -0.87
C3 PEG F . 21.19 24.80 0.16
C4 PEG F . 20.87 26.16 -0.42
O4 PEG F . 21.38 26.31 -1.74
C1 PEG G . 13.30 21.45 18.84
O1 PEG G . 12.92 22.63 18.16
C2 PEG G . 12.24 20.39 18.79
O2 PEG G . 12.64 19.32 17.94
C3 PEG G . 13.53 19.69 16.90
C4 PEG G . 14.68 18.73 16.80
O4 PEG G . 15.67 19.15 15.86
#